data_6PNT
#
_entry.id   6PNT
#
_cell.length_a   77.481
_cell.length_b   77.481
_cell.length_c   130.953
_cell.angle_alpha   90.000
_cell.angle_beta   90.000
_cell.angle_gamma   120.000
#
_symmetry.space_group_name_H-M   'P 31 2 1'
#
loop_
_entity.id
_entity.type
_entity.pdbx_description
1 polymer 'UDP-glycosyltransferase 202A2'
2 water water
#
_entity_poly.entity_id   1
_entity_poly.type   'polypeptide(L)'
_entity_poly.pdbx_seq_one_letter_code
;MNPETMNENGKSLKILFTALFGPGHLNACLGIGSLLRKRGHQIYFAHFPRHRATIEKHGFLFISLLDYAEPEFPIVDMLP
DIGIIAKFAFERMHKLTPLELFRHASGKHTFAGMVNGSKGENYAMMKIVKEYKPDVCLADYLFNMPWMFTVDCPVIPVKS
VNPIELYNGPPALTGCSIHDPPSVREEIEQLARKSELELESELEKLFAHFNVPLVSYNYAQQLGIYIYPGPLDYKELGSP
KENWVRLDSSIRSTEISNFELPEKLKDKPGKLIYVSMGSLASAVTELLTMILTPLANSPHRFIVSTGPNGDSIKLYDNMW
GDKFINQVALLPKVDLFITHGGSNSLIEGLTAGKPLIAIPQFGDQLDNAQRIADLGLGVRLNLHEFSGEKLLKAIEDVLN
DEKINANVARVSEELKKSDSKDKVISLIEKLARDKKL
;
_entity_poly.pdbx_strand_id   A
#
# COMPACT_ATOMS: atom_id res chain seq x y z
N LYS A 11 32.43 2.12 -1.92
CA LYS A 11 32.11 3.29 -2.79
C LYS A 11 30.60 3.56 -2.94
N SER A 12 30.28 4.84 -2.94
CA SER A 12 28.93 5.36 -2.83
C SER A 12 28.26 5.34 -4.23
N LEU A 13 27.06 4.79 -4.28
CA LEU A 13 26.30 4.57 -5.55
C LEU A 13 25.30 5.69 -5.82
N LYS A 14 25.01 5.93 -7.09
CA LYS A 14 23.89 6.76 -7.48
C LYS A 14 22.63 5.87 -7.70
N ILE A 15 21.63 6.06 -6.85
CA ILE A 15 20.46 5.20 -6.84
C ILE A 15 19.26 6.05 -7.18
N LEU A 16 18.51 5.64 -8.21
CA LEU A 16 17.35 6.43 -8.64
C LEU A 16 16.03 5.70 -8.36
N PHE A 17 15.13 6.37 -7.66
CA PHE A 17 13.79 5.84 -7.41
C PHE A 17 12.75 6.59 -8.27
N THR A 18 11.67 5.92 -8.62
CA THR A 18 10.44 6.57 -9.05
C THR A 18 9.24 5.73 -8.56
N ALA A 19 8.06 6.29 -8.71
CA ALA A 19 6.84 5.65 -8.28
C ALA A 19 5.64 6.28 -8.94
N LEU A 20 4.54 5.59 -8.87
CA LEU A 20 3.29 6.21 -9.21
C LEU A 20 3.01 7.42 -8.31
N PHE A 21 2.16 8.33 -8.80
CA PHE A 21 1.67 9.49 -8.01
C PHE A 21 1.20 9.17 -6.58
N GLY A 22 0.44 8.09 -6.45
CA GLY A 22 -0.21 7.67 -5.19
C GLY A 22 0.63 7.33 -3.96
N PRO A 23 0.03 7.49 -2.76
CA PRO A 23 0.84 7.51 -1.52
C PRO A 23 1.49 6.19 -1.08
N GLY A 24 0.85 5.06 -1.41
CA GLY A 24 1.44 3.77 -1.08
C GLY A 24 2.74 3.54 -1.81
N HIS A 25 2.72 3.94 -3.09
CA HIS A 25 3.88 3.69 -3.94
C HIS A 25 5.03 4.64 -3.57
N LEU A 26 4.72 5.88 -3.35
CA LEU A 26 5.76 6.84 -2.96
C LEU A 26 6.36 6.47 -1.62
N ASN A 27 5.53 6.13 -0.66
CA ASN A 27 6.02 5.79 0.67
C ASN A 27 6.85 4.51 0.79
N ALA A 28 6.56 3.51 -0.02
CA ALA A 28 7.39 2.30 -0.09
C ALA A 28 8.83 2.61 -0.58
N CYS A 29 8.96 3.46 -1.56
CA CYS A 29 10.29 3.86 -2.06
C CYS A 29 11.03 4.73 -1.04
N LEU A 30 10.31 5.63 -0.37
CA LEU A 30 10.94 6.47 0.65
C LEU A 30 11.61 5.64 1.75
N GLY A 31 10.88 4.62 2.22
CA GLY A 31 11.39 3.66 3.19
C GLY A 31 12.67 2.93 2.77
N ILE A 32 12.69 2.39 1.55
CA ILE A 32 13.91 1.72 1.06
C ILE A 32 15.02 2.73 0.86
N GLY A 33 14.69 3.88 0.26
CA GLY A 33 15.68 4.92 0.07
C GLY A 33 16.32 5.35 1.37
N SER A 34 15.53 5.40 2.45
CA SER A 34 16.13 5.75 3.78
C SER A 34 17.17 4.75 4.24
N LEU A 35 16.93 3.47 3.99
CA LEU A 35 17.89 2.43 4.35
C LEU A 35 19.21 2.60 3.57
N LEU A 36 19.11 2.91 2.28
CA LEU A 36 20.27 3.03 1.42
C LEU A 36 21.06 4.30 1.69
N ARG A 37 20.36 5.40 1.98
CA ARG A 37 20.99 6.65 2.35
C ARG A 37 21.88 6.46 3.56
N LYS A 38 21.39 5.65 4.50
CA LYS A 38 22.16 5.35 5.69
C LYS A 38 23.46 4.63 5.41
N ARG A 39 23.52 3.89 4.32
CA ARG A 39 24.76 3.24 3.89
C ARG A 39 25.73 4.12 3.10
N GLY A 40 25.38 5.39 2.90
CA GLY A 40 26.24 6.37 2.24
C GLY A 40 25.94 6.62 0.79
N HIS A 41 24.80 6.12 0.30
CA HIS A 41 24.50 6.26 -1.13
C HIS A 41 23.80 7.57 -1.41
N GLN A 42 23.93 8.07 -2.63
CA GLN A 42 23.23 9.32 -3.04
C GLN A 42 21.92 8.88 -3.70
N ILE A 43 20.82 9.28 -3.10
CA ILE A 43 19.48 8.83 -3.53
C ILE A 43 18.85 9.96 -4.31
N TYR A 44 18.36 9.63 -5.50
CA TYR A 44 17.54 10.51 -6.33
C TYR A 44 16.16 9.94 -6.41
N PHE A 45 15.13 10.80 -6.46
CA PHE A 45 13.77 10.40 -6.55
C PHE A 45 13.12 11.25 -7.62
N ALA A 46 12.69 10.58 -8.71
CA ALA A 46 11.94 11.22 -9.80
C ALA A 46 10.48 11.11 -9.53
N HIS A 47 9.81 12.24 -9.28
CA HIS A 47 8.43 12.22 -8.89
C HIS A 47 7.74 13.51 -9.30
N PHE A 48 6.74 13.95 -8.55
CA PHE A 48 5.93 15.08 -8.91
C PHE A 48 6.20 16.21 -7.94
N PRO A 49 6.18 17.46 -8.42
CA PRO A 49 6.55 18.62 -7.55
C PRO A 49 5.75 18.74 -6.25
N ARG A 50 4.49 18.30 -6.26
CA ARG A 50 3.70 18.23 -5.04
C ARG A 50 4.37 17.44 -3.87
N HIS A 51 5.19 16.47 -4.22
CA HIS A 51 5.84 15.61 -3.23
C HIS A 51 7.32 15.96 -3.00
N ARG A 52 7.78 17.08 -3.60
CA ARG A 52 9.16 17.51 -3.44
C ARG A 52 9.54 17.63 -1.97
N ALA A 53 8.67 18.26 -1.18
CA ALA A 53 9.01 18.60 0.23
C ALA A 53 9.31 17.34 1.03
N THR A 54 8.46 16.32 0.91
CA THR A 54 8.72 15.09 1.65
C THR A 54 9.96 14.37 1.15
N ILE A 55 10.16 14.33 -0.16
CA ILE A 55 11.35 13.72 -0.75
C ILE A 55 12.64 14.39 -0.23
N GLU A 56 12.66 15.73 -0.25
CA GLU A 56 13.83 16.50 0.19
C GLU A 56 14.03 16.41 1.71
N LYS A 57 12.93 16.36 2.46
CA LYS A 57 12.98 16.18 3.92
C LYS A 57 13.63 14.83 4.30
N HIS A 58 13.39 13.80 3.50
CA HIS A 58 14.08 12.50 3.61
C HIS A 58 15.57 12.49 3.22
N GLY A 59 16.10 13.61 2.73
CA GLY A 59 17.51 13.71 2.40
C GLY A 59 17.85 13.24 1.01
N PHE A 60 16.83 13.18 0.11
CA PHE A 60 17.03 12.72 -1.25
C PHE A 60 17.04 13.91 -2.20
N LEU A 61 17.49 13.66 -3.43
CA LEU A 61 17.54 14.68 -4.47
C LEU A 61 16.31 14.57 -5.36
N PHE A 62 15.54 15.64 -5.49
CA PHE A 62 14.26 15.54 -6.19
C PHE A 62 14.45 15.82 -7.67
N ILE A 63 13.83 15.02 -8.53
CA ILE A 63 13.83 15.27 -9.98
C ILE A 63 12.36 15.29 -10.41
N SER A 64 11.95 16.31 -11.15
CA SER A 64 10.54 16.38 -11.52
C SER A 64 10.37 15.62 -12.82
N LEU A 65 9.52 14.60 -12.79
CA LEU A 65 9.10 13.86 -13.99
C LEU A 65 8.61 14.83 -15.06
N LEU A 66 7.88 15.86 -14.63
CA LEU A 66 7.25 16.81 -15.55
C LEU A 66 8.26 17.61 -16.40
N ASP A 67 9.47 17.83 -15.87
CA ASP A 67 10.53 18.53 -16.60
C ASP A 67 11.22 17.71 -17.70
N TYR A 68 10.89 16.42 -17.81
CA TYR A 68 11.54 15.51 -18.78
C TYR A 68 10.53 14.94 -19.75
N ALA A 69 9.35 15.56 -19.79
CA ALA A 69 8.24 15.10 -20.66
C ALA A 69 8.50 15.37 -22.13
N GLU A 70 8.15 14.41 -22.98
CA GLU A 70 8.09 14.66 -24.42
C GLU A 70 6.96 15.69 -24.70
N PRO A 71 7.12 16.54 -25.73
CA PRO A 71 6.08 17.61 -25.98
C PRO A 71 4.62 17.15 -26.17
N GLU A 72 4.42 16.01 -26.85
CA GLU A 72 3.08 15.43 -27.01
C GLU A 72 2.49 14.73 -25.79
N PHE A 73 3.30 14.50 -24.75
CA PHE A 73 2.89 13.74 -23.59
C PHE A 73 3.31 14.47 -22.31
N PRO A 74 2.61 15.56 -21.95
CA PRO A 74 3.02 16.35 -20.79
C PRO A 74 2.72 15.72 -19.42
N ILE A 75 2.07 14.54 -19.41
CA ILE A 75 1.84 13.70 -18.21
C ILE A 75 0.62 14.20 -17.44
N VAL A 76 0.65 15.48 -17.02
CA VAL A 76 -0.40 16.02 -16.13
C VAL A 76 -1.78 15.90 -16.73
N ASP A 77 -1.87 16.03 -18.07
CA ASP A 77 -3.11 15.87 -18.78
C ASP A 77 -3.78 14.52 -18.64
N MET A 78 -2.99 13.46 -18.52
CA MET A 78 -3.50 12.09 -18.46
C MET A 78 -3.55 11.49 -17.08
N LEU A 79 -3.02 12.17 -16.07
CA LEU A 79 -3.06 11.65 -14.72
C LEU A 79 -4.51 11.42 -14.29
N PRO A 80 -4.71 10.45 -13.39
CA PRO A 80 -6.09 10.17 -13.03
C PRO A 80 -6.71 11.19 -12.05
N ASP A 81 -8.04 11.24 -12.08
CA ASP A 81 -8.82 12.08 -11.18
C ASP A 81 -9.05 11.29 -9.90
N ILE A 82 -8.12 11.41 -8.96
CA ILE A 82 -8.07 10.52 -7.79
C ILE A 82 -9.28 10.59 -6.88
N GLY A 83 -9.87 11.78 -6.77
CA GLY A 83 -11.05 12.02 -5.96
C GLY A 83 -12.28 11.41 -6.59
N ILE A 84 -12.40 11.55 -7.92
CA ILE A 84 -13.48 10.90 -8.67
C ILE A 84 -13.46 9.38 -8.48
N ILE A 85 -12.30 8.77 -8.63
CA ILE A 85 -12.13 7.32 -8.44
C ILE A 85 -12.50 6.85 -7.00
N ALA A 86 -11.93 7.50 -6.00
CA ALA A 86 -12.18 7.15 -4.60
C ALA A 86 -13.65 7.29 -4.23
N LYS A 87 -14.28 8.34 -4.75
CA LYS A 87 -15.66 8.61 -4.42
C LYS A 87 -16.54 7.51 -5.07
N PHE A 88 -16.22 7.16 -6.31
CA PHE A 88 -16.91 6.08 -7.03
C PHE A 88 -16.67 4.74 -6.34
N ALA A 89 -15.44 4.49 -5.87
CA ALA A 89 -15.10 3.27 -5.16
C ALA A 89 -15.93 3.12 -3.89
N PHE A 90 -16.01 4.20 -3.13
CA PHE A 90 -16.79 4.19 -1.91
C PHE A 90 -18.26 3.89 -2.21
N GLU A 91 -18.81 4.57 -3.21
CA GLU A 91 -20.23 4.36 -3.52
C GLU A 91 -20.53 2.90 -3.88
N ARG A 92 -19.67 2.27 -4.66
CA ARG A 92 -19.86 0.88 -5.01
C ARG A 92 -19.64 -0.06 -3.83
N MET A 93 -18.57 0.16 -3.06
CA MET A 93 -18.28 -0.71 -1.90
C MET A 93 -19.36 -0.63 -0.82
N HIS A 94 -19.98 0.54 -0.72
CA HIS A 94 -21.05 0.74 0.21
C HIS A 94 -22.30 -0.07 -0.14
N LYS A 95 -22.53 -0.29 -1.43
CA LYS A 95 -23.77 -0.92 -1.90
C LYS A 95 -23.60 -2.42 -2.26
N LEU A 96 -22.43 -2.79 -2.76
CA LEU A 96 -22.20 -4.08 -3.43
C LEU A 96 -21.24 -4.96 -2.66
N THR A 97 -21.55 -6.25 -2.63
CA THR A 97 -20.60 -7.28 -2.16
C THR A 97 -19.39 -7.34 -3.15
N PRO A 98 -18.25 -7.90 -2.70
CA PRO A 98 -17.16 -8.05 -3.69
C PRO A 98 -17.58 -8.82 -4.95
N LEU A 99 -18.35 -9.87 -4.80
CA LEU A 99 -18.80 -10.59 -6.00
C LEU A 99 -19.61 -9.66 -6.92
N GLU A 100 -20.55 -8.92 -6.35
CA GLU A 100 -21.39 -8.00 -7.13
C GLU A 100 -20.57 -6.91 -7.81
N LEU A 101 -19.55 -6.44 -7.09
CA LEU A 101 -18.60 -5.46 -7.57
C LEU A 101 -17.94 -5.97 -8.86
N PHE A 102 -17.44 -7.19 -8.81
CA PHE A 102 -16.77 -7.80 -9.96
C PHE A 102 -17.76 -8.10 -11.09
N ARG A 103 -18.99 -8.44 -10.73
CA ARG A 103 -20.05 -8.59 -11.75
C ARG A 103 -20.37 -7.26 -12.45
N HIS A 104 -20.64 -6.23 -11.65
CA HIS A 104 -20.96 -4.87 -12.15
C HIS A 104 -19.81 -4.29 -12.96
N ALA A 105 -18.57 -4.63 -12.60
CA ALA A 105 -17.39 -4.22 -13.38
C ALA A 105 -17.39 -4.68 -14.85
N SER A 106 -18.11 -5.75 -15.19
CA SER A 106 -18.28 -6.20 -16.61
C SER A 106 -16.97 -6.39 -17.39
N GLY A 107 -16.03 -7.14 -16.83
CA GLY A 107 -14.71 -7.34 -17.46
C GLY A 107 -13.72 -6.19 -17.38
N LYS A 108 -14.11 -5.08 -16.76
CA LYS A 108 -13.21 -3.95 -16.58
C LYS A 108 -12.32 -4.18 -15.37
N HIS A 109 -11.01 -4.08 -15.55
CA HIS A 109 -10.04 -4.40 -14.49
C HIS A 109 -9.88 -3.20 -13.56
N THR A 110 -9.49 -3.50 -12.33
CA THR A 110 -9.25 -2.50 -11.28
C THR A 110 -8.39 -1.33 -11.73
N PHE A 111 -7.31 -1.62 -12.46
CA PHE A 111 -6.31 -0.60 -12.86
C PHE A 111 -5.79 -0.56 -14.29
N ALA A 112 -6.30 -1.43 -15.15
CA ALA A 112 -5.93 -1.47 -16.57
C ALA A 112 -6.17 -0.14 -17.30
N GLY A 113 -7.20 0.59 -16.89
CA GLY A 113 -7.49 1.94 -17.41
C GLY A 113 -6.35 2.94 -17.23
N MET A 114 -5.45 2.69 -16.28
CA MET A 114 -4.27 3.57 -16.09
C MET A 114 -3.14 3.34 -17.08
N VAL A 115 -3.16 2.24 -17.81
CA VAL A 115 -2.03 1.89 -18.64
C VAL A 115 -1.81 2.90 -19.78
N ASN A 116 -2.88 3.19 -20.52
CA ASN A 116 -2.79 4.07 -21.69
C ASN A 116 -2.19 5.44 -21.28
N GLY A 117 -2.63 5.98 -20.17
CA GLY A 117 -2.13 7.28 -19.76
C GLY A 117 -0.71 7.30 -19.21
N SER A 118 -0.01 6.17 -19.15
CA SER A 118 1.32 6.13 -18.55
C SER A 118 2.46 6.37 -19.57
N LYS A 119 2.14 6.62 -20.86
CA LYS A 119 3.16 6.87 -21.88
C LYS A 119 4.11 8.01 -21.50
N GLY A 120 3.56 9.09 -21.00
CA GLY A 120 4.34 10.27 -20.70
C GLY A 120 5.40 10.01 -19.64
N GLU A 121 5.01 9.31 -18.58
CA GLU A 121 5.94 8.92 -17.50
C GLU A 121 7.05 8.01 -18.06
N ASN A 122 6.71 7.15 -19.01
CA ASN A 122 7.72 6.32 -19.66
C ASN A 122 8.78 7.12 -20.43
N TYR A 123 8.32 8.04 -21.29
CA TYR A 123 9.27 8.91 -22.00
C TYR A 123 10.17 9.67 -20.99
N ALA A 124 9.55 10.21 -19.95
CA ALA A 124 10.29 11.00 -18.95
C ALA A 124 11.37 10.17 -18.26
N MET A 125 11.04 8.92 -17.88
CA MET A 125 12.03 8.07 -17.24
C MET A 125 13.15 7.67 -18.19
N MET A 126 12.83 7.41 -19.47
CA MET A 126 13.89 7.11 -20.42
C MET A 126 14.92 8.25 -20.46
N LYS A 127 14.41 9.49 -20.51
CA LYS A 127 15.22 10.67 -20.58
C LYS A 127 16.00 10.92 -19.27
N ILE A 128 15.34 10.73 -18.12
CA ILE A 128 16.00 10.91 -16.80
C ILE A 128 17.15 9.93 -16.62
N VAL A 129 16.88 8.67 -16.90
CA VAL A 129 17.90 7.66 -16.70
C VAL A 129 19.09 7.95 -17.62
N LYS A 130 18.84 8.36 -18.85
CA LYS A 130 19.92 8.62 -19.80
C LYS A 130 20.78 9.79 -19.34
N GLU A 131 20.15 10.86 -18.87
CA GLU A 131 20.88 12.03 -18.37
C GLU A 131 21.61 11.82 -17.05
N TYR A 132 20.96 11.17 -16.08
CA TYR A 132 21.52 11.05 -14.72
C TYR A 132 22.44 9.86 -14.53
N LYS A 133 22.30 8.85 -15.39
CA LYS A 133 23.14 7.66 -15.37
C LYS A 133 23.31 7.10 -13.96
N PRO A 134 22.18 6.71 -13.31
CA PRO A 134 22.30 6.04 -12.03
C PRO A 134 22.94 4.67 -12.16
N ASP A 135 23.47 4.14 -11.06
CA ASP A 135 23.98 2.78 -11.04
C ASP A 135 22.88 1.73 -10.98
N VAL A 136 21.73 2.09 -10.42
CA VAL A 136 20.54 1.24 -10.39
C VAL A 136 19.29 2.09 -10.21
N CYS A 137 18.15 1.58 -10.72
CA CYS A 137 16.85 2.22 -10.54
C CYS A 137 15.94 1.29 -9.78
N LEU A 138 15.07 1.89 -8.98
CA LEU A 138 13.98 1.16 -8.35
C LEU A 138 12.67 1.89 -8.61
N ALA A 139 11.63 1.13 -8.84
CA ALA A 139 10.33 1.73 -9.14
C ALA A 139 9.14 0.97 -8.57
N ASP A 140 8.22 1.71 -7.94
CA ASP A 140 6.97 1.16 -7.40
C ASP A 140 5.79 1.58 -8.25
N TYR A 141 5.41 0.68 -9.15
CA TYR A 141 4.26 0.84 -10.01
C TYR A 141 3.23 -0.24 -9.78
N LEU A 142 2.03 -0.06 -10.33
CA LEU A 142 1.07 -1.15 -10.35
C LEU A 142 1.35 -2.21 -11.43
N PHE A 143 2.11 -1.85 -12.48
CA PHE A 143 2.41 -2.73 -13.60
C PHE A 143 3.74 -2.22 -14.19
N ASN A 144 4.45 -3.15 -14.80
CA ASN A 144 5.71 -2.88 -15.44
C ASN A 144 5.52 -1.88 -16.57
N MET A 145 6.56 -1.09 -16.80
CA MET A 145 6.63 -0.09 -17.85
C MET A 145 7.80 -0.37 -18.78
N PRO A 146 7.65 -0.08 -20.07
CA PRO A 146 8.65 -0.38 -21.06
C PRO A 146 10.06 0.16 -20.75
N TRP A 147 10.15 1.36 -20.14
CA TRP A 147 11.47 1.95 -19.87
C TRP A 147 12.32 1.05 -19.00
N MET A 148 11.65 0.24 -18.18
CA MET A 148 12.33 -0.62 -17.24
C MET A 148 13.16 -1.69 -17.97
N PHE A 149 12.83 -1.94 -19.23
CA PHE A 149 13.53 -2.91 -20.06
C PHE A 149 14.40 -2.30 -21.16
N THR A 150 14.41 -0.97 -21.32
CA THR A 150 15.22 -0.32 -22.38
C THR A 150 16.42 0.45 -21.84
N VAL A 151 16.33 0.96 -20.60
CA VAL A 151 17.36 1.82 -20.07
C VAL A 151 18.59 0.96 -19.84
N ASP A 152 19.73 1.64 -19.77
CA ASP A 152 21.04 1.00 -19.72
C ASP A 152 21.56 0.87 -18.29
N CYS A 153 20.72 0.37 -17.39
CA CYS A 153 21.12 0.04 -16.05
C CYS A 153 20.10 -0.92 -15.45
N PRO A 154 20.51 -1.64 -14.39
CA PRO A 154 19.57 -2.57 -13.77
C PRO A 154 18.38 -1.81 -13.16
N VAL A 155 17.19 -2.40 -13.24
CA VAL A 155 15.98 -1.84 -12.69
C VAL A 155 15.25 -2.86 -11.80
N ILE A 156 14.92 -2.43 -10.59
CA ILE A 156 14.27 -3.25 -9.59
C ILE A 156 12.85 -2.79 -9.35
N PRO A 157 11.84 -3.61 -9.74
CA PRO A 157 10.50 -3.27 -9.31
C PRO A 157 10.34 -3.42 -7.79
N VAL A 158 9.65 -2.47 -7.17
CA VAL A 158 9.34 -2.49 -5.77
C VAL A 158 7.84 -2.65 -5.68
N LYS A 159 7.40 -3.64 -4.93
CA LYS A 159 5.96 -3.88 -4.73
C LYS A 159 5.56 -3.60 -3.28
N SER A 160 4.53 -2.79 -3.09
CA SER A 160 3.99 -2.52 -1.76
C SER A 160 2.59 -3.04 -1.58
N VAL A 161 1.87 -3.28 -2.67
CA VAL A 161 0.56 -3.90 -2.57
C VAL A 161 0.68 -5.33 -2.05
N ASN A 162 -0.45 -5.87 -1.56
CA ASN A 162 -0.56 -7.26 -1.13
C ASN A 162 0.08 -8.15 -2.20
N PRO A 163 1.00 -9.03 -1.81
CA PRO A 163 1.79 -9.72 -2.81
C PRO A 163 1.24 -11.06 -3.32
N ILE A 164 -0.05 -11.35 -3.09
CA ILE A 164 -0.63 -12.58 -3.62
C ILE A 164 -0.49 -12.69 -5.16
N GLU A 165 -0.43 -11.53 -5.81
CA GLU A 165 -0.24 -11.44 -7.26
C GLU A 165 1.06 -12.03 -7.73
N LEU A 166 2.05 -12.15 -6.84
CA LEU A 166 3.33 -12.78 -7.19
C LEU A 166 3.33 -14.32 -7.20
N TYR A 167 2.20 -14.93 -6.84
CA TYR A 167 2.11 -16.36 -6.67
C TYR A 167 1.22 -16.97 -7.74
N ASN A 168 1.38 -18.27 -7.93
CA ASN A 168 0.47 -19.05 -8.77
C ASN A 168 -0.56 -19.62 -7.86
N GLY A 169 -1.57 -18.79 -7.58
CA GLY A 169 -2.51 -19.10 -6.55
C GLY A 169 -3.87 -18.53 -6.89
N PRO A 170 -4.69 -18.27 -5.89
CA PRO A 170 -5.91 -17.53 -6.16
C PRO A 170 -5.60 -16.14 -6.71
N PRO A 171 -6.49 -15.60 -7.56
CA PRO A 171 -6.25 -14.29 -8.14
C PRO A 171 -6.22 -13.22 -7.11
N ALA A 172 -5.44 -12.18 -7.38
CA ALA A 172 -5.42 -10.99 -6.51
C ALA A 172 -6.71 -10.17 -6.65
N LEU A 173 -6.93 -9.29 -5.70
CA LEU A 173 -7.97 -8.27 -5.71
C LEU A 173 -9.36 -8.77 -5.35
N THR A 174 -9.52 -10.06 -5.09
CA THR A 174 -10.83 -10.62 -4.76
C THR A 174 -11.18 -10.59 -3.28
N GLY A 175 -10.15 -10.50 -2.43
CA GLY A 175 -10.29 -10.75 -1.02
C GLY A 175 -10.74 -12.13 -0.58
N CYS A 176 -10.53 -13.17 -1.40
CA CYS A 176 -10.92 -14.53 -1.02
C CYS A 176 -10.15 -14.96 0.23
N SER A 177 -10.84 -15.73 1.08
CA SER A 177 -10.28 -16.31 2.28
C SER A 177 -9.74 -17.71 2.02
N ILE A 178 -8.66 -18.06 2.72
CA ILE A 178 -8.18 -19.45 2.69
C ILE A 178 -9.28 -20.45 3.06
N HIS A 179 -10.28 -20.03 3.82
CA HIS A 179 -11.43 -20.87 4.20
C HIS A 179 -12.60 -20.92 3.26
N ASP A 180 -12.59 -20.14 2.18
CA ASP A 180 -13.75 -20.15 1.27
C ASP A 180 -13.76 -21.43 0.46
N PRO A 181 -14.85 -22.19 0.53
CA PRO A 181 -14.82 -23.38 -0.28
C PRO A 181 -15.03 -23.06 -1.77
N PRO A 182 -14.81 -24.09 -2.61
CA PRO A 182 -14.89 -23.97 -4.05
C PRO A 182 -16.13 -23.22 -4.54
N SER A 183 -17.29 -23.64 -4.06
CA SER A 183 -18.58 -23.09 -4.50
C SER A 183 -18.72 -21.60 -4.22
N VAL A 184 -18.09 -21.13 -3.13
CA VAL A 184 -18.17 -19.74 -2.72
C VAL A 184 -17.26 -18.86 -3.57
N ARG A 185 -16.06 -19.32 -3.85
CA ARG A 185 -15.08 -18.50 -4.54
C ARG A 185 -15.09 -18.63 -6.05
N GLU A 186 -15.82 -19.61 -6.58
CA GLU A 186 -15.62 -19.95 -7.98
C GLU A 186 -15.90 -18.80 -8.93
N GLU A 187 -17.04 -18.17 -8.76
CA GLU A 187 -17.47 -17.11 -9.65
C GLU A 187 -16.56 -15.86 -9.60
N ILE A 188 -16.28 -15.35 -8.40
CA ILE A 188 -15.47 -14.13 -8.29
C ILE A 188 -14.07 -14.38 -8.85
N GLU A 189 -13.55 -15.59 -8.67
CA GLU A 189 -12.21 -15.90 -9.21
C GLU A 189 -12.22 -15.99 -10.74
N GLN A 190 -13.30 -16.51 -11.35
CA GLN A 190 -13.48 -16.47 -12.82
C GLN A 190 -13.52 -15.05 -13.36
N LEU A 191 -14.29 -14.19 -12.70
CA LEU A 191 -14.38 -12.79 -13.08
C LEU A 191 -13.08 -12.06 -12.90
N ALA A 192 -12.38 -12.29 -11.79
CA ALA A 192 -11.05 -11.66 -11.60
C ALA A 192 -10.07 -12.06 -12.71
N ARG A 193 -10.02 -13.35 -13.06
CA ARG A 193 -9.16 -13.80 -14.14
C ARG A 193 -9.59 -13.22 -15.49
N LYS A 194 -10.89 -13.14 -15.74
CA LYS A 194 -11.36 -12.49 -16.97
C LYS A 194 -10.92 -11.03 -17.07
N SER A 195 -11.09 -10.26 -16.01
CA SER A 195 -10.67 -8.86 -16.07
C SER A 195 -9.13 -8.68 -16.18
N GLU A 196 -8.34 -9.59 -15.62
CA GLU A 196 -6.88 -9.59 -15.82
C GLU A 196 -6.50 -9.60 -17.31
N LEU A 197 -7.33 -10.22 -18.18
CA LEU A 197 -7.07 -10.21 -19.63
C LEU A 197 -7.11 -8.81 -20.22
N GLU A 198 -7.93 -7.91 -19.63
CA GLU A 198 -7.92 -6.49 -20.04
C GLU A 198 -6.61 -5.81 -19.68
N LEU A 199 -6.07 -6.11 -18.50
CA LEU A 199 -4.75 -5.58 -18.13
C LEU A 199 -3.70 -5.99 -19.14
N GLU A 200 -3.71 -7.25 -19.56
CA GLU A 200 -2.73 -7.76 -20.50
C GLU A 200 -2.87 -7.13 -21.89
N SER A 201 -4.12 -7.02 -22.36
CA SER A 201 -4.40 -6.37 -23.62
C SER A 201 -3.96 -4.88 -23.65
N GLU A 202 -4.20 -4.18 -22.55
CA GLU A 202 -3.76 -2.78 -22.42
C GLU A 202 -2.25 -2.64 -22.39
N LEU A 203 -1.59 -3.52 -21.65
CA LEU A 203 -0.12 -3.50 -21.60
C LEU A 203 0.49 -3.81 -22.94
N GLU A 204 -0.14 -4.72 -23.71
CA GLU A 204 0.31 -4.97 -25.09
C GLU A 204 0.44 -3.72 -25.95
N LYS A 205 -0.54 -2.86 -25.86
CA LYS A 205 -0.52 -1.61 -26.61
C LYS A 205 0.58 -0.66 -26.15
N LEU A 206 0.79 -0.59 -24.84
CA LEU A 206 1.82 0.30 -24.31
C LEU A 206 3.19 -0.18 -24.67
N PHE A 207 3.45 -1.46 -24.47
CA PHE A 207 4.72 -2.01 -24.88
C PHE A 207 4.92 -1.94 -26.41
N ALA A 208 3.86 -2.14 -27.20
CA ALA A 208 4.01 -2.03 -28.65
C ALA A 208 4.41 -0.61 -29.07
N HIS A 209 3.76 0.36 -28.46
CA HIS A 209 4.09 1.76 -28.70
C HIS A 209 5.60 2.04 -28.58
N PHE A 210 6.23 1.49 -27.54
CA PHE A 210 7.65 1.73 -27.23
C PHE A 210 8.59 0.70 -27.86
N ASN A 211 8.03 -0.19 -28.68
CA ASN A 211 8.77 -1.24 -29.38
C ASN A 211 9.54 -2.13 -28.43
N VAL A 212 8.93 -2.51 -27.32
CA VAL A 212 9.57 -3.37 -26.33
C VAL A 212 8.76 -4.68 -26.28
N PRO A 213 9.45 -5.84 -26.30
CA PRO A 213 8.70 -7.09 -26.13
C PRO A 213 7.86 -7.12 -24.84
N LEU A 214 6.60 -7.56 -24.95
CA LEU A 214 5.68 -7.60 -23.80
C LEU A 214 6.22 -8.57 -22.75
N VAL A 215 6.12 -8.18 -21.49
CA VAL A 215 6.42 -9.04 -20.35
C VAL A 215 5.20 -9.04 -19.44
N SER A 216 5.15 -10.00 -18.52
CA SER A 216 4.10 -9.99 -17.49
C SER A 216 4.17 -8.68 -16.71
N TYR A 217 3.04 -8.23 -16.21
CA TYR A 217 2.97 -6.96 -15.52
C TYR A 217 3.78 -6.93 -14.23
N ASN A 218 4.13 -8.10 -13.69
CA ASN A 218 4.99 -8.15 -12.49
C ASN A 218 6.24 -9.05 -12.63
N TYR A 219 6.70 -9.27 -13.86
CA TYR A 219 8.02 -9.83 -14.14
C TYR A 219 9.13 -8.96 -13.53
N ALA A 220 10.11 -9.62 -12.91
CA ALA A 220 11.37 -9.01 -12.45
C ALA A 220 12.51 -9.67 -13.22
N GLN A 221 13.20 -8.87 -14.04
CA GLN A 221 14.29 -9.37 -14.92
C GLN A 221 15.46 -9.92 -14.14
N GLN A 222 15.86 -9.20 -13.08
CA GLN A 222 17.03 -9.59 -12.27
C GLN A 222 16.75 -9.66 -10.76
N LEU A 223 15.96 -8.70 -10.30
CA LEU A 223 15.62 -8.59 -8.89
C LEU A 223 14.36 -7.73 -8.73
N GLY A 224 13.45 -8.21 -7.90
CA GLY A 224 12.28 -7.47 -7.47
C GLY A 224 12.20 -7.54 -5.94
N ILE A 225 11.70 -6.48 -5.34
CA ILE A 225 11.59 -6.42 -3.88
C ILE A 225 10.14 -6.20 -3.51
N TYR A 226 9.53 -7.11 -2.76
CA TYR A 226 8.17 -6.87 -2.24
C TYR A 226 8.22 -6.70 -0.75
N ILE A 227 7.49 -5.70 -0.25
CA ILE A 227 7.52 -5.36 1.16
C ILE A 227 6.30 -5.94 1.82
N TYR A 228 6.50 -6.94 2.67
CA TYR A 228 5.38 -7.58 3.29
C TYR A 228 5.92 -8.41 4.45
N PRO A 229 5.19 -8.46 5.57
CA PRO A 229 5.80 -9.24 6.65
C PRO A 229 5.81 -10.71 6.38
N GLY A 230 6.94 -11.34 6.62
CA GLY A 230 7.10 -12.79 6.48
C GLY A 230 6.00 -13.60 7.11
N PRO A 231 5.58 -13.28 8.35
CA PRO A 231 4.54 -14.09 8.95
C PRO A 231 3.17 -14.02 8.27
N LEU A 232 2.93 -13.04 7.39
CA LEU A 232 1.71 -12.93 6.62
C LEU A 232 1.83 -13.38 5.16
N ASP A 233 3.05 -13.68 4.75
CA ASP A 233 3.35 -13.95 3.35
C ASP A 233 2.74 -15.31 2.98
N TYR A 234 2.52 -15.49 1.68
CA TYR A 234 1.70 -16.60 1.20
C TYR A 234 2.53 -17.87 1.01
N LYS A 235 3.12 -18.34 2.11
CA LYS A 235 3.95 -19.53 2.04
C LYS A 235 3.15 -20.78 1.68
N GLU A 236 1.85 -20.77 1.91
CA GLU A 236 1.02 -21.90 1.52
C GLU A 236 0.81 -22.00 -0.02
N LEU A 237 1.27 -20.99 -0.76
CA LEU A 237 1.29 -20.96 -2.22
C LEU A 237 2.63 -21.33 -2.85
N GLY A 238 3.61 -21.63 -2.03
CA GLY A 238 4.93 -21.99 -2.47
C GLY A 238 5.77 -20.72 -2.47
N SER A 239 6.44 -20.47 -3.59
CA SER A 239 7.40 -19.37 -3.68
C SER A 239 6.86 -18.31 -4.57
N PRO A 240 7.26 -17.05 -4.34
CA PRO A 240 6.85 -16.04 -5.30
C PRO A 240 7.53 -16.22 -6.66
N LYS A 241 7.05 -15.53 -7.69
CA LYS A 241 7.65 -15.51 -9.03
C LYS A 241 9.16 -15.28 -9.03
N GLU A 242 9.82 -15.73 -10.10
CA GLU A 242 11.29 -15.60 -10.26
C GLU A 242 11.83 -14.21 -9.90
N ASN A 243 12.86 -14.20 -9.04
CA ASN A 243 13.67 -13.01 -8.73
C ASN A 243 13.10 -12.07 -7.65
N TRP A 244 11.89 -12.33 -7.19
CA TRP A 244 11.24 -11.53 -6.16
C TRP A 244 11.76 -11.97 -4.80
N VAL A 245 12.20 -11.01 -4.01
CA VAL A 245 12.69 -11.19 -2.66
C VAL A 245 11.85 -10.32 -1.68
N ARG A 246 11.53 -10.91 -0.54
CA ARG A 246 10.76 -10.25 0.50
C ARG A 246 11.63 -9.36 1.42
N LEU A 247 11.20 -8.11 1.52
CA LEU A 247 11.61 -7.19 2.59
C LEU A 247 10.50 -7.19 3.62
N ASP A 248 10.76 -7.67 4.84
CA ASP A 248 9.66 -7.81 5.84
C ASP A 248 9.04 -6.46 6.21
N SER A 249 9.91 -5.46 6.36
CA SER A 249 9.53 -4.06 6.46
C SER A 249 10.76 -3.20 6.26
N SER A 250 10.55 -1.91 6.06
CA SER A 250 11.69 -0.99 6.07
C SER A 250 11.87 -0.21 7.37
N ILE A 251 11.25 -0.64 8.46
CA ILE A 251 11.26 0.10 9.73
C ILE A 251 11.72 -0.84 10.85
N ARG A 252 12.15 -0.24 11.95
CA ARG A 252 12.52 -0.99 13.15
C ARG A 252 11.53 -0.59 14.24
N SER A 253 11.39 -1.41 15.26
CA SER A 253 10.39 -1.14 16.27
C SER A 253 10.91 -0.01 17.18
N THR A 254 10.07 1.01 17.39
CA THR A 254 10.35 2.15 18.29
C THR A 254 9.34 2.17 19.44
N GLU A 255 9.83 2.29 20.67
CA GLU A 255 8.94 2.33 21.85
C GLU A 255 8.83 3.72 22.49
N ILE A 256 9.92 4.48 22.47
CA ILE A 256 9.92 5.88 22.94
C ILE A 256 9.28 6.77 21.89
N SER A 257 8.40 7.67 22.34
CA SER A 257 7.65 8.56 21.45
C SER A 257 7.50 9.98 22.00
N ASN A 258 7.40 10.96 21.10
CA ASN A 258 6.97 12.33 21.47
C ASN A 258 5.45 12.42 21.76
N PHE A 259 4.64 11.56 21.14
CA PHE A 259 3.16 11.65 21.24
C PHE A 259 2.66 11.73 22.69
N GLU A 260 1.73 12.66 22.98
CA GLU A 260 1.07 12.79 24.29
C GLU A 260 -0.45 12.70 24.11
N LEU A 261 -1.16 12.10 25.08
CA LEU A 261 -2.62 11.97 25.00
C LEU A 261 -3.28 13.36 24.89
N PRO A 262 -4.22 13.55 23.93
CA PRO A 262 -4.93 14.84 23.89
C PRO A 262 -5.72 15.08 25.16
N GLU A 263 -5.67 16.33 25.63
CA GLU A 263 -6.30 16.71 26.89
C GLU A 263 -7.81 16.43 26.85
N LYS A 264 -8.38 16.54 25.66
CA LYS A 264 -9.78 16.27 25.48
C LYS A 264 -10.21 14.86 25.96
N LEU A 265 -9.32 13.89 25.83
CA LEU A 265 -9.62 12.51 26.14
C LEU A 265 -9.32 12.13 27.57
N LYS A 266 -8.83 13.07 28.40
CA LYS A 266 -8.30 12.71 29.72
C LYS A 266 -9.33 12.11 30.67
N ASP A 267 -10.54 12.67 30.67
CA ASP A 267 -11.58 12.24 31.64
C ASP A 267 -12.61 11.30 30.96
N LYS A 268 -12.16 10.47 30.02
CA LYS A 268 -13.03 9.59 29.28
C LYS A 268 -12.61 8.13 29.47
N PRO A 269 -13.58 7.22 29.61
CA PRO A 269 -13.24 5.83 29.84
C PRO A 269 -12.80 5.04 28.61
N GLY A 270 -12.17 3.91 28.93
CA GLY A 270 -11.89 2.85 27.98
C GLY A 270 -10.49 2.89 27.41
N LYS A 271 -10.29 2.05 26.40
CA LYS A 271 -9.03 1.88 25.71
C LYS A 271 -8.86 3.00 24.71
N LEU A 272 -7.66 3.05 24.13
CA LEU A 272 -7.29 4.07 23.18
C LEU A 272 -7.24 3.42 21.80
N ILE A 273 -7.98 3.97 20.85
CA ILE A 273 -8.15 3.36 19.52
C ILE A 273 -7.86 4.39 18.46
N TYR A 274 -7.02 4.00 17.51
CA TYR A 274 -6.65 4.83 16.39
C TYR A 274 -7.49 4.46 15.17
N VAL A 275 -8.05 5.47 14.52
CA VAL A 275 -8.88 5.29 13.31
C VAL A 275 -8.22 6.06 12.15
N SER A 276 -7.85 5.33 11.09
CA SER A 276 -7.37 5.94 9.88
C SER A 276 -7.80 5.15 8.66
N MET A 277 -8.48 5.83 7.75
CA MET A 277 -8.83 5.26 6.43
C MET A 277 -7.82 5.58 5.28
N GLY A 278 -6.69 6.21 5.62
CA GLY A 278 -5.70 6.60 4.64
C GLY A 278 -6.14 7.86 3.92
N SER A 279 -5.18 8.53 3.31
CA SER A 279 -5.43 9.85 2.75
C SER A 279 -6.41 9.83 1.56
N LEU A 280 -6.37 8.79 0.73
CA LEU A 280 -7.27 8.77 -0.44
C LEU A 280 -8.72 8.58 -0.07
N ALA A 281 -8.99 7.52 0.70
CA ALA A 281 -10.36 7.18 1.08
C ALA A 281 -10.99 8.19 2.04
N SER A 282 -10.19 8.77 2.92
CA SER A 282 -10.67 9.80 3.87
C SER A 282 -11.16 11.07 3.24
N ALA A 283 -10.71 11.36 2.03
CA ALA A 283 -11.21 12.51 1.28
C ALA A 283 -12.73 12.40 1.00
N VAL A 284 -13.27 11.19 1.06
CA VAL A 284 -14.69 10.96 0.91
C VAL A 284 -15.26 11.05 2.32
N THR A 285 -15.74 12.23 2.67
CA THR A 285 -16.12 12.51 4.05
C THR A 285 -17.26 11.63 4.58
N GLU A 286 -18.14 11.20 3.67
CA GLU A 286 -19.20 10.22 3.98
C GLU A 286 -18.66 8.94 4.64
N LEU A 287 -17.46 8.50 4.22
CA LEU A 287 -16.87 7.31 4.77
C LEU A 287 -16.59 7.47 6.24
N LEU A 288 -15.85 8.53 6.61
CA LEU A 288 -15.56 8.75 8.02
C LEU A 288 -16.82 9.04 8.83
N THR A 289 -17.76 9.76 8.24
CA THR A 289 -19.02 10.04 8.96
C THR A 289 -19.75 8.71 9.32
N MET A 290 -19.89 7.83 8.35
CA MET A 290 -20.49 6.52 8.57
C MET A 290 -19.79 5.77 9.70
N ILE A 291 -18.46 5.83 9.74
CA ILE A 291 -17.70 5.08 10.76
C ILE A 291 -17.83 5.72 12.12
N LEU A 292 -17.68 7.04 12.18
CA LEU A 292 -17.59 7.71 13.47
C LEU A 292 -18.91 7.87 14.20
N THR A 293 -19.99 8.06 13.46
CA THR A 293 -21.30 8.26 14.07
C THR A 293 -21.59 7.23 15.16
N PRO A 294 -21.57 5.93 14.84
CA PRO A 294 -21.80 4.94 15.91
C PRO A 294 -20.76 4.89 17.02
N LEU A 295 -19.53 5.30 16.71
CA LEU A 295 -18.46 5.32 17.68
C LEU A 295 -18.64 6.33 18.78
N ALA A 296 -19.50 7.32 18.58
CA ALA A 296 -19.90 8.22 19.70
C ALA A 296 -20.36 7.41 20.94
N ASN A 297 -21.01 6.27 20.71
CA ASN A 297 -21.45 5.36 21.80
C ASN A 297 -20.53 4.20 22.18
N SER A 298 -19.35 4.10 21.57
CA SER A 298 -18.37 3.10 22.00
C SER A 298 -17.65 3.66 23.24
N PRO A 299 -17.60 2.89 24.35
CA PRO A 299 -17.00 3.38 25.60
C PRO A 299 -15.45 3.32 25.61
N HIS A 300 -14.86 4.06 24.69
CA HIS A 300 -13.43 4.07 24.47
C HIS A 300 -13.06 5.48 23.99
N ARG A 301 -11.77 5.70 23.88
CA ARG A 301 -11.19 6.96 23.45
C ARG A 301 -10.60 6.77 22.04
N PHE A 302 -11.00 7.61 21.11
CA PHE A 302 -10.58 7.51 19.74
C PHE A 302 -9.69 8.66 19.27
N ILE A 303 -8.59 8.34 18.60
CA ILE A 303 -7.76 9.29 17.88
C ILE A 303 -8.02 9.07 16.40
N VAL A 304 -8.44 10.11 15.69
CA VAL A 304 -8.84 9.99 14.30
C VAL A 304 -7.97 10.84 13.38
N SER A 305 -7.43 10.21 12.34
CA SER A 305 -6.80 10.90 11.23
C SER A 305 -7.94 11.32 10.30
N THR A 306 -8.21 12.62 10.24
CA THR A 306 -9.45 13.09 9.61
C THR A 306 -9.30 13.36 8.12
N GLY A 307 -8.07 13.31 7.61
CA GLY A 307 -7.83 13.39 6.17
C GLY A 307 -7.77 14.81 5.61
N PRO A 308 -7.59 14.91 4.29
CA PRO A 308 -7.47 16.19 3.57
C PRO A 308 -8.67 17.12 3.74
N ASN A 309 -9.86 16.55 3.85
CA ASN A 309 -11.10 17.30 4.07
C ASN A 309 -11.53 17.25 5.54
N GLY A 310 -10.53 17.14 6.43
CA GLY A 310 -10.73 16.85 7.85
C GLY A 310 -11.57 17.82 8.64
N ASP A 311 -11.52 19.10 8.26
CA ASP A 311 -12.27 20.16 8.96
C ASP A 311 -13.80 20.01 9.03
N SER A 312 -14.38 19.33 8.05
CA SER A 312 -15.81 19.07 8.02
C SER A 312 -16.23 17.75 8.71
N ILE A 313 -15.30 17.03 9.32
CA ILE A 313 -15.62 15.76 9.99
C ILE A 313 -16.06 16.10 11.43
N LYS A 314 -17.26 15.65 11.78
CA LYS A 314 -17.81 15.83 13.11
C LYS A 314 -17.16 14.83 14.08
N LEU A 315 -16.56 15.35 15.14
CA LEU A 315 -15.91 14.53 16.16
C LEU A 315 -16.71 14.61 17.44
N TYR A 316 -16.92 13.47 18.11
CA TYR A 316 -17.69 13.46 19.35
C TYR A 316 -16.79 13.62 20.58
N ASP A 317 -17.38 13.63 21.77
CA ASP A 317 -16.65 13.95 23.01
C ASP A 317 -15.60 12.93 23.37
N ASN A 318 -15.79 11.71 22.89
CA ASN A 318 -14.80 10.65 23.10
C ASN A 318 -13.76 10.55 21.95
N MET A 319 -13.63 11.61 21.14
CA MET A 319 -12.77 11.62 19.93
C MET A 319 -11.93 12.88 19.80
N TRP A 320 -10.71 12.71 19.33
CA TRP A 320 -9.81 13.81 19.01
C TRP A 320 -9.24 13.48 17.65
N GLY A 321 -9.20 14.49 16.81
CA GLY A 321 -8.75 14.32 15.45
C GLY A 321 -7.81 15.40 14.98
N ASP A 322 -7.02 15.04 13.98
CA ASP A 322 -6.11 15.97 13.33
C ASP A 322 -5.91 15.45 11.90
N LYS A 323 -5.67 16.37 10.99
CA LYS A 323 -5.41 16.01 9.61
C LYS A 323 -4.05 15.37 9.45
N PHE A 324 -3.10 15.73 10.29
CA PHE A 324 -1.76 15.17 10.16
C PHE A 324 -1.36 14.43 11.43
N ILE A 325 -1.63 13.14 11.47
CA ILE A 325 -1.24 12.35 12.63
C ILE A 325 0.07 11.69 12.33
N ASN A 326 1.04 11.76 13.25
CA ASN A 326 2.23 10.92 13.12
C ASN A 326 1.91 9.51 13.59
N GLN A 327 1.67 8.65 12.63
CA GLN A 327 1.13 7.33 12.88
C GLN A 327 2.12 6.39 13.62
N VAL A 328 3.40 6.44 13.25
CA VAL A 328 4.41 5.62 13.94
C VAL A 328 4.70 6.07 15.39
N ALA A 329 4.60 7.37 15.67
CA ALA A 329 4.67 7.87 17.06
C ALA A 329 3.44 7.46 17.88
N LEU A 330 2.27 7.40 17.26
CA LEU A 330 1.03 7.12 17.96
C LEU A 330 0.86 5.61 18.25
N LEU A 331 1.21 4.77 17.28
CA LEU A 331 0.80 3.37 17.35
C LEU A 331 1.21 2.62 18.63
N PRO A 332 2.44 2.79 19.10
CA PRO A 332 2.86 2.12 20.35
C PRO A 332 1.98 2.44 21.56
N LYS A 333 1.28 3.57 21.53
CA LYS A 333 0.46 4.00 22.67
C LYS A 333 -1.00 3.62 22.60
N VAL A 334 -1.50 3.12 21.46
CA VAL A 334 -2.90 2.64 21.34
C VAL A 334 -3.08 1.16 21.60
N ASP A 335 -4.34 0.73 21.70
CA ASP A 335 -4.70 -0.65 21.93
C ASP A 335 -5.29 -1.38 20.71
N LEU A 336 -5.63 -0.62 19.68
CA LEU A 336 -6.35 -1.13 18.51
C LEU A 336 -6.24 -0.13 17.40
N PHE A 337 -6.18 -0.64 16.16
CA PHE A 337 -6.04 0.20 14.97
C PHE A 337 -7.15 -0.16 14.00
N ILE A 338 -8.08 0.75 13.77
CA ILE A 338 -9.12 0.58 12.77
C ILE A 338 -8.57 1.20 11.47
N THR A 339 -8.40 0.38 10.44
CA THR A 339 -7.59 0.71 9.26
C THR A 339 -8.36 0.34 7.98
N HIS A 340 -8.02 1.02 6.90
CA HIS A 340 -8.47 0.65 5.56
C HIS A 340 -7.76 -0.57 5.00
N GLY A 341 -6.71 -1.07 5.62
CA GLY A 341 -6.04 -2.26 5.06
C GLY A 341 -4.90 -2.02 4.09
N GLY A 342 -4.41 -0.79 3.99
CA GLY A 342 -3.24 -0.50 3.14
C GLY A 342 -2.07 -1.27 3.73
N SER A 343 -1.19 -1.77 2.88
CA SER A 343 -0.07 -2.57 3.38
C SER A 343 0.82 -1.81 4.40
N ASN A 344 1.11 -0.55 4.14
CA ASN A 344 2.04 0.16 5.05
C ASN A 344 1.41 0.29 6.44
N SER A 345 0.12 0.56 6.49
CA SER A 345 -0.55 0.67 7.77
C SER A 345 -0.55 -0.66 8.54
N LEU A 346 -0.78 -1.75 7.84
CA LEU A 346 -0.67 -3.07 8.40
C LEU A 346 0.72 -3.33 8.92
N ILE A 347 1.76 -3.02 8.16
CA ILE A 347 3.14 -3.22 8.60
C ILE A 347 3.43 -2.41 9.86
N GLU A 348 3.01 -1.15 9.86
CA GLU A 348 3.22 -0.25 11.01
C GLU A 348 2.46 -0.74 12.25
N GLY A 349 1.20 -1.16 12.09
CA GLY A 349 0.42 -1.71 13.17
C GLY A 349 1.00 -2.96 13.79
N LEU A 350 1.36 -3.92 12.94
CA LEU A 350 1.99 -5.15 13.43
C LEU A 350 3.40 -4.94 13.99
N THR A 351 4.18 -4.04 13.42
CA THR A 351 5.48 -3.71 14.01
C THR A 351 5.32 -3.20 15.48
N ALA A 352 4.30 -2.41 15.71
CA ALA A 352 3.97 -1.93 17.06
C ALA A 352 3.21 -2.96 17.92
N GLY A 353 2.78 -4.08 17.34
CA GLY A 353 2.17 -5.16 18.09
C GLY A 353 0.72 -4.88 18.41
N LYS A 354 0.01 -4.21 17.51
CA LYS A 354 -1.37 -3.82 17.75
C LYS A 354 -2.33 -4.57 16.83
N PRO A 355 -3.46 -5.02 17.38
CA PRO A 355 -4.45 -5.69 16.53
C PRO A 355 -5.24 -4.73 15.67
N LEU A 356 -5.88 -5.27 14.63
CA LEU A 356 -6.44 -4.48 13.57
C LEU A 356 -7.92 -4.80 13.32
N ILE A 357 -8.71 -3.78 13.02
CA ILE A 357 -9.98 -3.96 12.37
C ILE A 357 -9.83 -3.33 11.00
N ALA A 358 -9.92 -4.14 9.96
CA ALA A 358 -9.73 -3.68 8.58
C ALA A 358 -11.06 -3.53 7.88
N ILE A 359 -11.25 -2.32 7.33
CA ILE A 359 -12.40 -1.92 6.59
C ILE A 359 -11.94 -1.55 5.16
N PRO A 360 -11.80 -2.57 4.28
CA PRO A 360 -11.11 -2.28 3.02
C PRO A 360 -11.92 -1.40 2.07
N GLN A 361 -11.20 -0.55 1.32
CA GLN A 361 -11.79 0.47 0.45
C GLN A 361 -11.57 0.21 -1.03
N PHE A 362 -10.43 -0.37 -1.41
CA PHE A 362 -10.11 -0.41 -2.82
C PHE A 362 -9.03 -1.42 -3.11
N GLY A 363 -9.16 -2.09 -4.25
CA GLY A 363 -8.09 -2.94 -4.77
C GLY A 363 -7.51 -3.99 -3.83
N ASP A 364 -6.18 -3.96 -3.67
CA ASP A 364 -5.45 -4.95 -2.87
C ASP A 364 -5.76 -4.92 -1.36
N GLN A 365 -6.37 -3.83 -0.89
CA GLN A 365 -6.77 -3.77 0.49
C GLN A 365 -7.74 -4.88 0.88
N LEU A 366 -8.57 -5.33 -0.06
CA LEU A 366 -9.44 -6.49 0.20
C LEU A 366 -8.61 -7.73 0.56
N ASP A 367 -7.52 -7.95 -0.18
CA ASP A 367 -6.63 -9.09 0.08
C ASP A 367 -5.92 -8.93 1.46
N ASN A 368 -5.52 -7.72 1.78
CA ASN A 368 -4.87 -7.47 3.11
C ASN A 368 -5.86 -7.66 4.25
N ALA A 369 -7.06 -7.11 4.08
CA ALA A 369 -8.08 -7.27 5.12
C ALA A 369 -8.40 -8.75 5.39
N GLN A 370 -8.49 -9.55 4.34
CA GLN A 370 -8.81 -10.96 4.53
C GLN A 370 -7.63 -11.70 5.12
N ARG A 371 -6.41 -11.26 4.79
CA ARG A 371 -5.19 -11.87 5.37
C ARG A 371 -5.13 -11.68 6.89
N ILE A 372 -5.44 -10.47 7.32
CA ILE A 372 -5.55 -10.16 8.74
C ILE A 372 -6.51 -11.12 9.44
N ALA A 373 -7.70 -11.32 8.86
CA ALA A 373 -8.70 -12.18 9.47
C ALA A 373 -8.22 -13.61 9.47
N ASP A 374 -7.75 -14.07 8.31
CA ASP A 374 -7.33 -15.45 8.13
C ASP A 374 -6.21 -15.86 9.11
N LEU A 375 -5.34 -14.93 9.44
CA LEU A 375 -4.23 -15.22 10.34
C LEU A 375 -4.48 -14.84 11.78
N GLY A 376 -5.70 -14.38 12.11
CA GLY A 376 -6.09 -14.17 13.50
C GLY A 376 -5.42 -12.97 14.10
N LEU A 377 -5.18 -11.95 13.29
CA LEU A 377 -4.54 -10.70 13.70
C LEU A 377 -5.49 -9.54 13.88
N GLY A 378 -6.78 -9.85 13.76
CA GLY A 378 -7.82 -8.84 13.76
C GLY A 378 -9.03 -9.38 13.03
N VAL A 379 -9.93 -8.47 12.67
CA VAL A 379 -11.12 -8.83 11.90
C VAL A 379 -11.28 -7.90 10.69
N ARG A 380 -11.97 -8.43 9.68
CA ARG A 380 -12.40 -7.67 8.53
C ARG A 380 -13.87 -7.28 8.71
N LEU A 381 -14.21 -6.03 8.43
CA LEU A 381 -15.61 -5.56 8.34
C LEU A 381 -15.82 -4.93 7.01
N ASN A 382 -16.92 -5.25 6.38
CA ASN A 382 -17.10 -4.76 5.05
C ASN A 382 -18.07 -3.64 5.03
N LEU A 383 -17.75 -2.62 4.23
CA LEU A 383 -18.67 -1.51 4.02
C LEU A 383 -20.09 -1.92 3.61
N HIS A 384 -20.22 -2.89 2.74
CA HIS A 384 -21.52 -3.23 2.17
C HIS A 384 -22.54 -3.79 3.16
N GLU A 385 -22.04 -4.34 4.27
CA GLU A 385 -22.92 -4.82 5.35
C GLU A 385 -22.69 -4.06 6.67
N PHE A 386 -22.20 -2.83 6.57
CA PHE A 386 -21.79 -2.07 7.75
C PHE A 386 -23.00 -1.74 8.60
N SER A 387 -22.82 -1.88 9.90
CA SER A 387 -23.75 -1.31 10.88
C SER A 387 -22.95 -0.90 12.08
N GLY A 388 -23.49 0.03 12.82
CA GLY A 388 -22.92 0.48 14.09
C GLY A 388 -22.81 -0.62 15.10
N GLU A 389 -23.82 -1.48 15.13
CA GLU A 389 -23.88 -2.63 16.02
C GLU A 389 -22.72 -3.58 15.75
N LYS A 390 -22.48 -3.90 14.47
CA LYS A 390 -21.37 -4.75 14.07
C LYS A 390 -19.99 -4.19 14.44
N LEU A 391 -19.78 -2.92 14.14
CA LEU A 391 -18.52 -2.24 14.44
C LEU A 391 -18.25 -2.23 15.95
N LEU A 392 -19.26 -1.85 16.74
CA LEU A 392 -19.09 -1.78 18.20
C LEU A 392 -18.71 -3.13 18.78
N LYS A 393 -19.32 -4.20 18.24
CA LYS A 393 -19.04 -5.55 18.69
C LYS A 393 -17.66 -6.03 18.29
N ALA A 394 -17.25 -5.72 17.06
CA ALA A 394 -15.92 -6.02 16.57
C ALA A 394 -14.85 -5.40 17.47
N ILE A 395 -15.05 -4.15 17.86
CA ILE A 395 -14.17 -3.48 18.84
C ILE A 395 -14.09 -4.24 20.15
N GLU A 396 -15.24 -4.55 20.77
CA GLU A 396 -15.25 -5.29 22.04
C GLU A 396 -14.59 -6.66 21.89
N ASP A 397 -14.90 -7.36 20.79
CA ASP A 397 -14.33 -8.68 20.55
C ASP A 397 -12.82 -8.63 20.42
N VAL A 398 -12.32 -7.74 19.58
CA VAL A 398 -10.87 -7.74 19.30
C VAL A 398 -10.12 -7.29 20.57
N LEU A 399 -10.62 -6.27 21.24
CA LEU A 399 -9.99 -5.80 22.47
C LEU A 399 -9.83 -6.88 23.54
N ASN A 400 -10.81 -7.77 23.64
CA ASN A 400 -10.83 -8.83 24.66
C ASN A 400 -10.44 -10.23 24.19
N ASP A 401 -9.94 -10.34 22.96
CA ASP A 401 -9.55 -11.64 22.41
C ASP A 401 -8.06 -11.87 22.64
N GLU A 402 -7.79 -12.72 23.63
CA GLU A 402 -6.43 -13.03 24.06
C GLU A 402 -5.66 -13.84 23.01
N LYS A 403 -6.37 -14.56 22.15
CA LYS A 403 -5.70 -15.24 21.04
C LYS A 403 -5.19 -14.22 19.99
N ILE A 404 -6.04 -13.27 19.59
CA ILE A 404 -5.64 -12.25 18.63
C ILE A 404 -4.47 -11.43 19.18
N ASN A 405 -4.57 -11.03 20.45
CA ASN A 405 -3.51 -10.19 21.02
C ASN A 405 -2.16 -10.98 21.08
N ALA A 406 -2.21 -12.28 21.34
CA ALA A 406 -1.02 -13.14 21.27
C ALA A 406 -0.45 -13.38 19.85
N ASN A 407 -1.31 -13.52 18.86
CA ASN A 407 -0.84 -13.65 17.47
C ASN A 407 -0.08 -12.40 16.98
N VAL A 408 -0.63 -11.25 17.33
CA VAL A 408 -0.04 -9.97 16.95
C VAL A 408 1.29 -9.75 17.69
N ALA A 409 1.34 -10.13 18.97
CA ALA A 409 2.58 -10.05 19.70
C ALA A 409 3.66 -10.94 19.03
N ARG A 410 3.27 -12.13 18.57
CA ARG A 410 4.21 -13.03 17.91
C ARG A 410 4.73 -12.45 16.58
N VAL A 411 3.87 -11.83 15.78
CA VAL A 411 4.33 -11.22 14.54
C VAL A 411 5.27 -10.03 14.80
N SER A 412 4.92 -9.23 15.79
CA SER A 412 5.73 -8.06 16.15
C SER A 412 7.14 -8.51 16.55
N GLU A 413 7.22 -9.58 17.31
CA GLU A 413 8.51 -10.12 17.73
C GLU A 413 9.31 -10.62 16.53
N GLU A 414 8.66 -11.29 15.56
CA GLU A 414 9.40 -11.79 14.40
C GLU A 414 9.94 -10.65 13.52
N LEU A 415 9.18 -9.55 13.42
CA LEU A 415 9.55 -8.43 12.59
C LEU A 415 10.81 -7.74 13.15
N LYS A 416 11.03 -7.85 14.45
CA LYS A 416 12.30 -7.36 15.05
C LYS A 416 13.50 -8.15 14.65
N LYS A 417 13.27 -9.45 14.60
CA LYS A 417 14.32 -10.43 14.39
C LYS A 417 14.79 -10.40 12.96
N SER A 418 14.08 -9.65 12.12
CA SER A 418 14.38 -9.64 10.71
C SER A 418 15.77 -9.09 10.43
N ASP A 419 16.50 -9.84 9.59
CA ASP A 419 17.66 -9.33 8.86
C ASP A 419 17.39 -9.27 7.31
N SER A 420 16.12 -9.32 6.92
CA SER A 420 15.76 -9.08 5.52
C SER A 420 16.25 -7.71 5.03
N LYS A 421 16.31 -6.72 5.89
CA LYS A 421 16.91 -5.44 5.51
C LYS A 421 18.35 -5.56 5.01
N ASP A 422 19.18 -6.24 5.80
CA ASP A 422 20.57 -6.46 5.42
C ASP A 422 20.66 -7.19 4.09
N LYS A 423 19.89 -8.25 3.94
CA LYS A 423 19.90 -9.08 2.75
C LYS A 423 19.54 -8.25 1.53
N VAL A 424 18.41 -7.56 1.61
CA VAL A 424 17.89 -6.76 0.47
C VAL A 424 18.84 -5.62 0.08
N ILE A 425 19.33 -4.90 1.07
CA ILE A 425 20.36 -3.91 0.82
C ILE A 425 21.55 -4.51 0.06
N SER A 426 22.07 -5.63 0.55
CA SER A 426 23.22 -6.27 -0.10
C SER A 426 22.95 -6.64 -1.54
N LEU A 427 21.72 -7.09 -1.81
CA LEU A 427 21.32 -7.45 -3.16
C LEU A 427 21.28 -6.25 -4.09
N ILE A 428 20.70 -5.15 -3.58
CA ILE A 428 20.63 -3.90 -4.32
C ILE A 428 22.04 -3.42 -4.69
N GLU A 429 22.91 -3.39 -3.70
CA GLU A 429 24.27 -2.95 -3.88
C GLU A 429 25.03 -3.87 -4.87
N LYS A 430 24.84 -5.19 -4.78
CA LYS A 430 25.52 -6.14 -5.68
C LYS A 430 25.08 -5.94 -7.12
N LEU A 431 23.76 -5.88 -7.32
CA LEU A 431 23.22 -5.61 -8.63
C LEU A 431 23.71 -4.29 -9.26
N ALA A 432 23.68 -3.21 -8.49
CA ALA A 432 24.21 -1.93 -8.92
C ALA A 432 25.68 -2.00 -9.37
N ARG A 433 26.50 -2.72 -8.64
CA ARG A 433 27.95 -2.77 -8.92
C ARG A 433 28.30 -3.74 -10.02
N ASP A 434 27.67 -4.90 -10.02
CA ASP A 434 28.05 -6.02 -10.89
C ASP A 434 27.18 -6.15 -12.12
N LYS A 435 26.06 -5.43 -12.16
CA LYS A 435 25.04 -5.50 -13.24
C LYS A 435 24.30 -6.86 -13.37
N LYS A 436 24.49 -7.67 -12.34
CA LYS A 436 24.01 -9.04 -12.29
C LYS A 436 24.13 -9.51 -10.84
N LEU A 437 23.32 -10.52 -10.49
CA LEU A 437 23.40 -11.18 -9.19
C LEU A 437 24.09 -12.54 -9.28
#